data_4PO4
#
_entry.id   4PO4
#
_cell.length_a   59.319
_cell.length_b   59.542
_cell.length_c   66.324
_cell.angle_alpha   90.000
_cell.angle_beta   108.350
_cell.angle_gamma   90.000
#
_symmetry.space_group_name_H-M   'P 1 21 1'
#
loop_
_entity.id
_entity.type
_entity.pdbx_description
1 polymer 'Lampetra planeri VLRC'
2 water water
#
_entity_poly.entity_id   1
_entity_poly.type   'polypeptide(L)'
_entity_poly.pdbx_seq_one_letter_code
;ACFAAGKDDLCTCSNKTESSPETVDCSSKKLTTVPTGIPTSTEKLQLNYNQLTGIPPTAFQGLTKLTYLNLDSNQLQYLP
VGVFDQLKNLNELRLDFNKLKSLPPRVFDRLTNLTALYLEYNQLQSIPKGVFDKLVNLETLWLRENKLQSVPDGAFDSLT
KVEMLQLHNNPWDCACSDIIYLRTFIAKNTDKISGMESAQCNGTSTAVKDVKTEPIKNVPC
;
_entity_poly.pdbx_strand_id   A,B
#
# COMPACT_ATOMS: atom_id res chain seq x y z
N ALA A 1 1.65 25.79 12.23
CA ALA A 1 0.26 25.94 11.80
C ALA A 1 -0.54 26.72 12.84
N CYS A 2 -0.32 26.43 14.11
CA CYS A 2 -1.02 27.09 15.17
C CYS A 2 0.01 27.20 16.25
N PHE A 3 -0.19 28.10 17.21
CA PHE A 3 0.81 28.32 18.26
C PHE A 3 0.45 27.46 19.46
N ALA A 4 -0.84 27.25 19.61
CA ALA A 4 -1.43 26.43 20.63
C ALA A 4 -2.85 26.47 20.22
N ALA A 5 -3.74 25.94 21.04
CA ALA A 5 -5.16 25.83 20.71
C ALA A 5 -5.76 27.23 20.69
N GLY A 6 -6.46 27.57 19.60
CA GLY A 6 -7.03 28.88 19.47
C GLY A 6 -6.09 30.02 19.18
N LYS A 7 -4.90 29.67 18.69
CA LYS A 7 -3.82 30.62 18.53
C LYS A 7 -3.18 30.56 17.15
N ASP A 8 -3.74 31.33 16.23
CA ASP A 8 -3.25 31.39 14.84
C ASP A 8 -1.74 31.56 14.56
N ASP A 9 -1.16 30.68 13.76
CA ASP A 9 0.19 30.89 13.28
C ASP A 9 0.24 31.05 11.77
N LEU A 10 0.45 29.93 11.10
CA LEU A 10 0.31 29.83 9.66
C LEU A 10 -1.18 29.75 9.29
N CYS A 11 -1.95 29.15 10.17
CA CYS A 11 -3.29 28.67 9.94
C CYS A 11 -4.23 29.36 10.83
N THR A 12 -5.48 29.26 10.55
CA THR A 12 -6.42 29.93 11.36
C THR A 12 -6.81 28.92 12.36
N CYS A 13 -6.57 29.25 13.62
CA CYS A 13 -6.70 28.29 14.71
C CYS A 13 -7.69 28.77 15.75
N SER A 14 -8.91 28.27 15.65
CA SER A 14 -9.98 28.62 16.55
C SER A 14 -10.25 27.52 17.56
N ASN A 15 -10.64 27.96 18.75
CA ASN A 15 -10.98 27.13 19.88
C ASN A 15 -12.41 26.48 19.76
N LYS A 16 -12.80 25.54 20.57
CA LYS A 16 -14.14 25.05 20.56
C LYS A 16 -15.13 26.12 21.08
N THR A 17 -16.39 25.96 20.77
CA THR A 17 -17.39 26.93 21.09
C THR A 17 -18.41 26.11 21.76
N GLU A 18 -19.31 26.79 22.48
CA GLU A 18 -20.48 26.12 23.01
C GLU A 18 -21.19 25.45 21.85
N SER A 19 -20.87 25.87 20.62
CA SER A 19 -21.45 25.24 19.45
C SER A 19 -20.51 24.80 18.32
N SER A 20 -19.22 25.05 18.40
CA SER A 20 -18.32 24.59 17.34
C SER A 20 -17.03 23.91 17.81
N PRO A 21 -16.49 23.04 17.01
CA PRO A 21 -15.30 22.36 17.43
C PRO A 21 -14.04 23.25 17.34
N GLU A 22 -12.96 22.70 17.88
CA GLU A 22 -11.62 23.24 17.77
C GLU A 22 -11.15 22.90 16.39
N THR A 23 -11.00 23.95 15.59
CA THR A 23 -10.76 23.82 14.16
C THR A 23 -9.52 24.58 13.74
N VAL A 24 -8.72 23.90 12.94
CA VAL A 24 -7.46 24.43 12.39
C VAL A 24 -7.70 24.57 10.88
N ASP A 25 -7.72 25.81 10.39
CA ASP A 25 -7.95 26.05 8.97
C ASP A 25 -6.64 26.48 8.26
N CYS A 26 -6.05 25.56 7.55
CA CYS A 26 -4.88 25.78 6.75
C CYS A 26 -5.26 25.80 5.30
N SER A 27 -6.52 26.08 5.03
CA SER A 27 -6.98 26.06 3.65
C SER A 27 -6.35 27.20 2.86
N SER A 28 -6.04 26.95 1.60
CA SER A 28 -5.54 28.01 0.72
C SER A 28 -4.31 28.74 1.29
N LYS A 29 -3.32 27.99 1.75
CA LYS A 29 -2.11 28.60 2.27
C LYS A 29 -0.88 28.29 1.43
N LYS A 30 -1.11 27.74 0.24
CA LYS A 30 -0.02 27.40 -0.70
C LYS A 30 0.99 26.43 -0.10
N LEU A 31 0.54 25.51 0.72
CA LEU A 31 1.40 24.60 1.45
C LEU A 31 1.89 23.42 0.64
N THR A 32 3.18 23.13 0.74
CA THR A 32 3.75 22.08 -0.08
C THR A 32 4.05 20.84 0.78
N THR A 33 4.05 21.07 2.08
CA THR A 33 4.16 20.02 3.06
C THR A 33 3.15 20.18 4.20
N VAL A 34 2.90 19.11 4.94
CA VAL A 34 1.98 19.24 6.05
C VAL A 34 2.72 19.90 7.20
N PRO A 35 2.19 21.01 7.69
CA PRO A 35 2.90 21.71 8.76
C PRO A 35 2.91 20.93 10.07
N THR A 36 4.03 20.96 10.80
CA THR A 36 4.01 20.54 12.19
C THR A 36 3.41 21.72 12.94
N GLY A 37 3.01 21.50 14.18
CA GLY A 37 2.38 22.55 14.97
C GLY A 37 0.87 22.43 15.11
N ILE A 38 0.29 21.37 14.55
CA ILE A 38 -1.11 21.18 14.78
C ILE A 38 -1.46 20.49 16.09
N PRO A 39 -2.19 21.17 16.98
CA PRO A 39 -2.44 20.67 18.33
C PRO A 39 -3.16 19.33 18.32
N THR A 40 -2.75 18.41 19.18
CA THR A 40 -3.30 17.05 19.19
C THR A 40 -4.77 17.06 19.62
N SER A 41 -5.23 18.21 20.04
CA SER A 41 -6.61 18.40 20.44
C SER A 41 -7.50 18.80 19.26
N THR A 42 -6.91 18.94 18.07
CA THR A 42 -7.67 19.40 16.92
C THR A 42 -8.77 18.42 16.52
N GLU A 43 -9.93 18.96 16.22
CA GLU A 43 -11.08 18.19 15.83
C GLU A 43 -11.45 18.29 14.37
N LYS A 44 -11.22 19.44 13.77
CA LYS A 44 -11.56 19.68 12.39
C LYS A 44 -10.32 20.30 11.76
N LEU A 45 -9.77 19.61 10.77
CA LEU A 45 -8.52 20.03 10.14
C LEU A 45 -8.77 20.27 8.66
N GLN A 46 -8.47 21.48 8.18
CA GLN A 46 -8.73 21.83 6.78
C GLN A 46 -7.38 22.10 6.13
N LEU A 47 -7.08 21.32 5.11
CA LEU A 47 -5.83 21.45 4.35
C LEU A 47 -6.17 21.49 2.87
N ASN A 48 -7.37 21.97 2.60
CA ASN A 48 -7.81 22.00 1.22
C ASN A 48 -7.20 23.17 0.46
N TYR A 49 -7.07 23.00 -0.83
CA TYR A 49 -6.57 24.02 -1.73
C TYR A 49 -5.13 24.44 -1.48
N ASN A 50 -4.28 23.44 -1.32
CA ASN A 50 -2.84 23.63 -1.20
C ASN A 50 -2.11 22.74 -2.19
N GLN A 51 -0.78 22.84 -2.18
CA GLN A 51 0.03 22.07 -3.07
C GLN A 51 0.67 20.74 -2.55
N LEU A 52 0.08 20.04 -1.61
CA LEU A 52 0.68 18.83 -1.07
C LEU A 52 0.87 17.79 -2.18
N THR A 53 2.10 17.29 -2.33
CA THR A 53 2.34 16.25 -3.31
C THR A 53 2.19 14.90 -2.64
N GLY A 54 2.52 14.84 -1.35
CA GLY A 54 2.34 13.63 -0.58
C GLY A 54 2.06 13.90 0.90
N ILE A 55 1.80 12.84 1.61
CA ILE A 55 1.52 12.86 2.99
C ILE A 55 2.49 12.03 3.76
N PRO A 56 3.18 12.66 4.71
CA PRO A 56 4.13 11.95 5.57
C PRO A 56 3.40 11.04 6.54
N PRO A 57 3.79 9.77 6.61
CA PRO A 57 3.11 8.80 7.47
C PRO A 57 2.93 9.36 8.87
N THR A 58 3.77 10.32 9.23
CA THR A 58 3.70 10.98 10.53
C THR A 58 2.75 12.21 10.62
N ALA A 59 2.21 12.68 9.50
CA ALA A 59 1.33 13.85 9.49
C ALA A 59 0.25 13.97 10.53
N PHE A 60 -0.54 12.94 10.68
CA PHE A 60 -1.76 12.99 11.37
C PHE A 60 -1.58 12.18 12.59
N GLN A 61 -0.39 12.21 13.09
CA GLN A 61 0.07 11.33 14.09
C GLN A 61 -0.73 11.33 15.34
N GLY A 62 -0.74 12.44 16.02
CA GLY A 62 -1.36 12.45 17.33
C GLY A 62 -2.83 12.74 17.39
N LEU A 63 -3.38 12.98 16.22
CA LEU A 63 -4.65 13.62 16.08
C LEU A 63 -5.77 12.67 16.25
N THR A 64 -5.88 12.12 17.46
CA THR A 64 -6.80 11.01 17.72
C THR A 64 -8.19 11.51 18.06
N LYS A 65 -8.40 12.81 17.93
CA LYS A 65 -9.69 13.39 18.21
C LYS A 65 -10.28 14.10 16.98
N LEU A 66 -9.65 13.90 15.84
CA LEU A 66 -10.15 14.43 14.57
C LEU A 66 -11.46 13.78 14.15
N THR A 67 -12.46 14.60 13.88
CA THR A 67 -13.75 14.13 13.36
C THR A 67 -13.93 14.48 11.88
N TYR A 68 -13.19 15.50 11.45
CA TYR A 68 -13.26 16.01 10.09
C TYR A 68 -11.84 16.28 9.59
N LEU A 69 -11.55 15.79 8.39
CA LEU A 69 -10.25 15.98 7.73
C LEU A 69 -10.45 16.31 6.27
N ASN A 70 -10.09 17.52 5.86
CA ASN A 70 -10.24 17.91 4.46
C ASN A 70 -8.91 18.00 3.74
N LEU A 71 -8.71 17.10 2.78
CA LEU A 71 -7.50 17.11 1.97
C LEU A 71 -7.79 17.40 0.49
N ASP A 72 -8.96 17.96 0.20
CA ASP A 72 -9.34 18.32 -1.17
C ASP A 72 -8.39 19.29 -1.82
N SER A 73 -8.27 19.19 -3.14
CA SER A 73 -7.51 20.08 -4.03
C SER A 73 -6.02 20.25 -3.69
N ASN A 74 -5.30 19.12 -3.70
CA ASN A 74 -3.85 19.12 -3.55
C ASN A 74 -3.23 18.41 -4.75
N GLN A 75 -2.01 17.90 -4.57
CA GLN A 75 -1.33 17.18 -5.63
C GLN A 75 -0.96 15.78 -5.18
N LEU A 76 -1.79 15.18 -4.32
CA LEU A 76 -1.47 13.85 -3.84
C LEU A 76 -1.35 12.78 -4.93
N GLN A 77 -0.20 12.13 -5.00
CA GLN A 77 0.02 11.12 -6.02
C GLN A 77 -0.28 9.73 -5.48
N TYR A 78 -0.01 9.54 -4.19
CA TYR A 78 -0.17 8.30 -3.45
C TYR A 78 -0.59 8.61 -2.01
N LEU A 79 -1.15 7.62 -1.33
CA LEU A 79 -1.38 7.69 0.10
C LEU A 79 -0.57 6.58 0.76
N PRO A 80 0.16 6.91 1.83
CA PRO A 80 0.93 5.82 2.44
C PRO A 80 -0.02 4.84 3.12
N VAL A 81 0.33 3.60 3.23
CA VAL A 81 -0.39 2.57 3.95
C VAL A 81 -0.64 2.84 5.42
N GLY A 82 -1.88 2.75 5.82
CA GLY A 82 -2.24 2.92 7.22
C GLY A 82 -2.22 4.35 7.73
N VAL A 83 -2.26 5.29 6.79
CA VAL A 83 -2.15 6.70 7.09
C VAL A 83 -3.26 7.24 7.99
N PHE A 84 -4.43 6.62 7.98
CA PHE A 84 -5.56 7.13 8.76
C PHE A 84 -5.88 6.28 9.97
N ASP A 85 -5.10 5.23 10.17
CA ASP A 85 -5.36 4.21 11.19
C ASP A 85 -5.53 4.74 12.63
N GLN A 86 -4.96 5.86 12.93
CA GLN A 86 -5.11 6.47 14.22
C GLN A 86 -6.26 7.47 14.33
N LEU A 87 -6.84 7.82 13.19
CA LEU A 87 -7.97 8.72 13.20
C LEU A 87 -9.26 7.93 13.35
N LYS A 88 -9.43 7.27 14.50
CA LYS A 88 -10.61 6.41 14.67
C LYS A 88 -11.94 7.19 14.82
N ASN A 89 -11.82 8.48 15.12
CA ASN A 89 -12.95 9.34 15.45
C ASN A 89 -13.47 10.14 14.27
N LEU A 90 -12.98 9.92 13.08
CA LEU A 90 -13.43 10.64 11.90
C LEU A 90 -14.83 10.34 11.40
N ASN A 91 -15.59 11.40 11.14
CA ASN A 91 -16.88 11.27 10.47
C ASN A 91 -16.78 11.54 8.97
N GLU A 92 -16.19 12.68 8.63
CA GLU A 92 -15.98 13.15 7.25
C GLU A 92 -14.53 13.09 6.83
N LEU A 93 -14.33 12.55 5.66
CA LEU A 93 -13.00 12.55 5.06
C LEU A 93 -13.09 13.01 3.61
N ARG A 94 -12.32 14.01 3.23
CA ARG A 94 -12.37 14.59 1.90
C ARG A 94 -11.04 14.49 1.18
N LEU A 95 -11.01 13.84 0.03
CA LEU A 95 -9.83 13.68 -0.80
C LEU A 95 -10.09 14.02 -2.28
N ASP A 96 -11.11 14.84 -2.54
CA ASP A 96 -11.47 15.18 -3.92
C ASP A 96 -10.32 15.97 -4.57
N PHE A 97 -10.28 15.99 -5.90
CA PHE A 97 -9.30 16.82 -6.61
C PHE A 97 -7.87 16.54 -6.21
N ASN A 98 -7.45 15.30 -6.32
CA ASN A 98 -6.04 15.00 -6.23
C ASN A 98 -5.71 14.03 -7.34
N LYS A 99 -4.47 13.55 -7.36
CA LYS A 99 -4.03 12.65 -8.42
C LYS A 99 -3.92 11.18 -7.99
N LEU A 100 -4.82 10.74 -7.13
CA LEU A 100 -4.84 9.34 -6.73
C LEU A 100 -5.20 8.37 -7.87
N LYS A 101 -4.38 7.38 -8.05
CA LYS A 101 -4.52 6.35 -9.05
C LYS A 101 -4.97 5.07 -8.44
N SER A 102 -4.60 4.88 -7.22
CA SER A 102 -5.07 3.73 -6.47
C SER A 102 -5.27 4.09 -5.00
N LEU A 103 -5.62 3.09 -4.20
CA LEU A 103 -5.78 3.30 -2.78
C LEU A 103 -5.07 2.16 -2.04
N PRO A 104 -4.43 2.48 -0.90
CA PRO A 104 -3.77 1.42 -0.14
C PRO A 104 -4.82 0.45 0.40
N PRO A 105 -4.50 -0.85 0.40
CA PRO A 105 -5.42 -1.83 0.99
C PRO A 105 -5.78 -1.41 2.43
N ARG A 106 -7.04 -1.58 2.82
CA ARG A 106 -7.48 -1.35 4.19
C ARG A 106 -7.31 0.10 4.68
N VAL A 107 -7.19 1.03 3.70
CA VAL A 107 -6.95 2.42 4.04
C VAL A 107 -7.97 3.08 5.00
N PHE A 108 -9.19 2.60 4.82
CA PHE A 108 -10.30 3.18 5.56
C PHE A 108 -10.74 2.26 6.70
N ASP A 109 -10.04 1.21 6.89
CA ASP A 109 -10.45 0.13 7.77
C ASP A 109 -10.59 0.45 9.24
N ARG A 110 -9.95 1.49 9.69
CA ARG A 110 -9.99 1.87 11.08
C ARG A 110 -10.94 3.04 11.27
N LEU A 111 -11.47 3.55 10.16
CA LEU A 111 -12.36 4.70 10.21
C LEU A 111 -13.79 4.20 10.29
N THR A 112 -14.14 3.56 11.39
CA THR A 112 -15.43 2.90 11.47
C THR A 112 -16.58 3.86 11.75
N ASN A 113 -16.28 5.08 12.14
CA ASN A 113 -17.35 6.01 12.42
C ASN A 113 -17.57 6.94 11.25
N LEU A 114 -17.01 6.55 10.10
CA LEU A 114 -17.10 7.37 8.93
C LEU A 114 -18.55 7.36 8.40
N THR A 115 -19.11 8.56 8.23
CA THR A 115 -20.43 8.74 7.65
C THR A 115 -20.34 9.34 6.26
N ALA A 116 -19.29 10.12 5.99
CA ALA A 116 -19.09 10.72 4.67
C ALA A 116 -17.66 10.51 4.13
N LEU A 117 -17.57 10.05 2.89
CA LEU A 117 -16.30 9.81 2.23
C LEU A 117 -16.31 10.41 0.81
N TYR A 118 -15.36 11.32 0.54
CA TYR A 118 -15.28 12.01 -0.75
C TYR A 118 -14.00 11.61 -1.52
N LEU A 119 -14.19 10.91 -2.61
CA LEU A 119 -13.09 10.45 -3.44
C LEU A 119 -13.15 10.88 -4.89
N GLU A 120 -13.71 12.02 -5.17
CA GLU A 120 -13.99 12.50 -6.51
C GLU A 120 -12.82 13.15 -7.15
N TYR A 121 -12.87 13.31 -8.45
CA TYR A 121 -11.86 14.02 -9.21
C TYR A 121 -10.43 13.58 -8.98
N ASN A 122 -10.23 12.27 -8.88
CA ASN A 122 -8.94 11.64 -8.92
C ASN A 122 -8.84 10.87 -10.21
N GLN A 123 -7.89 9.93 -10.26
CA GLN A 123 -7.71 9.09 -11.42
C GLN A 123 -7.65 7.62 -11.02
N LEU A 124 -8.45 7.25 -10.01
CA LEU A 124 -8.48 5.87 -9.53
C LEU A 124 -8.77 4.89 -10.66
N GLN A 125 -7.81 4.01 -10.94
CA GLN A 125 -7.96 3.04 -12.02
C GLN A 125 -8.57 1.73 -11.52
N SER A 126 -8.70 1.63 -10.19
CA SER A 126 -9.26 0.47 -9.50
C SER A 126 -9.56 0.84 -8.06
N ILE A 127 -10.35 0.09 -7.33
CA ILE A 127 -10.40 0.15 -5.88
C ILE A 127 -10.00 -1.19 -5.32
N PRO A 128 -9.56 -1.20 -4.07
CA PRO A 128 -9.08 -2.44 -3.43
C PRO A 128 -10.24 -3.35 -3.03
N LYS A 129 -9.99 -4.64 -2.89
CA LYS A 129 -11.04 -5.53 -2.40
C LYS A 129 -11.37 -5.24 -0.94
N GLY A 130 -12.66 -5.06 -0.65
CA GLY A 130 -13.10 -4.85 0.71
C GLY A 130 -12.81 -3.48 1.27
N VAL A 131 -12.41 -2.55 0.41
CA VAL A 131 -11.97 -1.23 0.85
C VAL A 131 -13.06 -0.46 1.62
N PHE A 132 -14.31 -0.83 1.42
CA PHE A 132 -15.44 -0.19 2.07
C PHE A 132 -16.10 -1.08 3.12
N ASP A 133 -15.54 -2.28 3.30
CA ASP A 133 -16.09 -3.31 4.20
C ASP A 133 -16.36 -2.88 5.63
N LYS A 134 -15.57 -1.97 6.17
CA LYS A 134 -15.68 -1.62 7.56
C LYS A 134 -16.55 -0.43 7.86
N LEU A 135 -16.96 0.26 6.82
CA LEU A 135 -17.65 1.55 6.95
C LEU A 135 -19.15 1.41 7.08
N VAL A 136 -19.55 0.76 8.16
CA VAL A 136 -20.95 0.47 8.43
C VAL A 136 -21.77 1.72 8.79
N ASN A 137 -21.12 2.80 9.13
CA ASN A 137 -21.84 3.99 9.43
C ASN A 137 -21.94 4.98 8.29
N LEU A 138 -21.31 4.63 7.17
CA LEU A 138 -21.24 5.49 6.01
C LEU A 138 -22.60 5.76 5.38
N GLU A 139 -22.88 7.03 5.17
CA GLU A 139 -24.10 7.49 4.51
C GLU A 139 -23.84 7.93 3.07
N THR A 140 -22.85 8.80 2.88
CA THR A 140 -22.57 9.30 1.54
C THR A 140 -21.26 8.83 0.96
N LEU A 141 -21.25 8.41 -0.31
CA LEU A 141 -20.00 7.96 -0.89
C LEU A 141 -19.89 8.55 -2.28
N TRP A 142 -18.82 9.30 -2.52
CA TRP A 142 -18.63 10.06 -3.74
C TRP A 142 -17.41 9.58 -4.50
N LEU A 143 -17.61 9.01 -5.68
CA LEU A 143 -16.56 8.39 -6.44
C LEU A 143 -16.58 8.91 -7.83
N ARG A 144 -17.26 10.01 -8.03
CA ARG A 144 -17.48 10.57 -9.34
C ARG A 144 -16.18 11.10 -9.95
N GLU A 145 -16.06 11.07 -11.24
CA GLU A 145 -14.88 11.57 -11.92
C GLU A 145 -13.50 10.88 -11.72
N ASN A 146 -13.41 9.57 -11.84
CA ASN A 146 -12.15 8.82 -11.80
C ASN A 146 -12.06 7.82 -12.95
N LYS A 147 -11.04 6.96 -12.92
CA LYS A 147 -10.85 5.95 -13.96
C LYS A 147 -11.26 4.49 -13.74
N LEU A 148 -12.35 4.29 -13.03
CA LEU A 148 -12.87 2.96 -12.71
C LEU A 148 -13.61 2.28 -13.84
N GLN A 149 -13.31 1.03 -14.06
CA GLN A 149 -13.98 0.31 -15.10
C GLN A 149 -14.93 -0.69 -14.48
N SER A 150 -14.58 -1.14 -13.28
CA SER A 150 -15.44 -1.99 -12.47
C SER A 150 -15.15 -1.76 -10.98
N VAL A 151 -15.92 -2.43 -10.12
CA VAL A 151 -15.58 -2.53 -8.71
C VAL A 151 -15.57 -4.03 -8.35
N PRO A 152 -14.78 -4.44 -7.34
CA PRO A 152 -14.78 -5.85 -6.93
C PRO A 152 -16.17 -6.32 -6.51
N ASP A 153 -16.41 -7.60 -6.56
CA ASP A 153 -17.67 -8.18 -6.24
C ASP A 153 -17.94 -7.96 -4.83
N GLY A 154 -19.06 -7.31 -4.58
CA GLY A 154 -19.51 -7.08 -3.24
C GLY A 154 -19.02 -5.83 -2.55
N ALA A 155 -18.48 -4.92 -3.30
CA ALA A 155 -17.76 -3.80 -2.79
C ALA A 155 -18.51 -2.91 -1.82
N PHE A 156 -19.77 -2.85 -2.07
CA PHE A 156 -20.70 -1.99 -1.45
C PHE A 156 -21.55 -2.70 -0.41
N ASP A 157 -21.34 -3.98 -0.23
CA ASP A 157 -22.24 -4.79 0.52
C ASP A 157 -22.31 -4.63 1.99
N SER A 158 -21.40 -3.92 2.61
CA SER A 158 -21.50 -3.58 3.98
C SER A 158 -22.02 -2.19 4.23
N LEU A 159 -22.19 -1.42 3.18
CA LEU A 159 -22.68 -0.07 3.33
C LEU A 159 -24.18 0.01 3.43
N THR A 160 -24.70 -0.51 4.51
CA THR A 160 -26.14 -0.70 4.57
C THR A 160 -26.81 0.59 5.04
N LYS A 161 -26.05 1.56 5.49
CA LYS A 161 -26.59 2.84 5.76
C LYS A 161 -26.33 3.90 4.72
N VAL A 162 -25.80 3.54 3.57
CA VAL A 162 -25.54 4.52 2.53
C VAL A 162 -26.82 4.98 1.91
N GLU A 163 -26.85 6.26 1.76
CA GLU A 163 -27.98 6.89 1.22
C GLU A 163 -27.71 7.38 -0.15
N MET A 164 -26.52 7.84 -0.39
CA MET A 164 -26.11 8.39 -1.66
C MET A 164 -24.81 7.79 -2.08
N LEU A 165 -24.74 7.35 -3.34
CA LEU A 165 -23.54 6.74 -3.91
C LEU A 165 -23.27 7.30 -5.31
N GLN A 166 -22.46 8.35 -5.39
CA GLN A 166 -22.28 9.06 -6.65
C GLN A 166 -21.27 8.30 -7.50
N LEU A 167 -21.65 7.94 -8.74
CA LEU A 167 -20.86 7.03 -9.57
C LEU A 167 -20.60 7.46 -11.01
N HIS A 168 -21.09 8.53 -11.48
CA HIS A 168 -20.80 8.82 -12.84
C HIS A 168 -19.45 9.43 -13.23
N ASN A 169 -19.24 9.54 -14.50
CA ASN A 169 -17.94 9.94 -15.01
C ASN A 169 -16.83 9.01 -14.62
N ASN A 170 -17.15 7.72 -14.76
CA ASN A 170 -16.23 6.62 -14.55
C ASN A 170 -16.41 5.68 -15.72
N PRO A 171 -15.30 5.24 -16.30
CA PRO A 171 -15.35 4.55 -17.60
C PRO A 171 -15.74 3.12 -17.39
N TRP A 172 -17.00 2.88 -17.02
CA TRP A 172 -17.42 1.52 -16.72
C TRP A 172 -17.45 0.64 -17.97
N ASP A 173 -16.74 -0.49 -17.92
CA ASP A 173 -16.73 -1.41 -19.06
C ASP A 173 -17.95 -2.32 -18.96
N CYS A 174 -18.96 -2.02 -19.76
CA CYS A 174 -20.21 -2.75 -19.71
C CYS A 174 -20.23 -3.95 -20.64
N ALA A 175 -19.07 -4.34 -21.14
CA ALA A 175 -18.98 -5.47 -22.05
C ALA A 175 -18.10 -6.59 -21.51
N CYS A 176 -17.69 -6.51 -20.26
CA CYS A 176 -16.74 -7.42 -19.61
C CYS A 176 -17.56 -8.06 -18.43
N SER A 177 -17.16 -9.19 -17.91
CA SER A 177 -17.89 -9.87 -16.83
C SER A 177 -17.93 -9.12 -15.52
N ASP A 178 -16.92 -8.29 -15.27
CA ASP A 178 -16.79 -7.61 -13.99
C ASP A 178 -17.85 -6.56 -13.66
N ILE A 179 -18.58 -6.09 -14.67
CA ILE A 179 -19.55 -5.02 -14.47
C ILE A 179 -20.80 -5.55 -13.82
N ILE A 180 -20.94 -6.87 -13.80
CA ILE A 180 -22.20 -7.48 -13.45
C ILE A 180 -22.63 -7.19 -12.03
N TYR A 181 -21.71 -7.27 -11.07
CA TYR A 181 -22.04 -6.92 -9.68
C TYR A 181 -22.64 -5.53 -9.55
N LEU A 182 -22.04 -4.59 -10.26
CA LEU A 182 -22.48 -3.20 -10.25
C LEU A 182 -23.82 -3.07 -10.94
N ARG A 183 -24.00 -3.82 -12.02
CA ARG A 183 -25.22 -3.69 -12.79
C ARG A 183 -26.37 -4.04 -11.86
N THR A 184 -26.30 -5.23 -11.28
CA THR A 184 -27.33 -5.71 -10.35
C THR A 184 -27.47 -4.81 -9.13
N PHE A 185 -26.34 -4.37 -8.59
CA PHE A 185 -26.38 -3.51 -7.38
C PHE A 185 -27.22 -2.26 -7.55
N ILE A 186 -27.10 -1.61 -8.71
CA ILE A 186 -27.84 -0.38 -8.97
C ILE A 186 -29.30 -0.69 -9.31
N ALA A 187 -29.54 -1.86 -9.82
CA ALA A 187 -30.86 -2.19 -10.19
C ALA A 187 -31.70 -2.59 -9.03
N LYS A 188 -31.07 -3.12 -8.01
CA LYS A 188 -31.66 -3.52 -6.75
C LYS A 188 -31.93 -2.38 -5.77
N ASN A 189 -31.02 -1.44 -5.69
CA ASN A 189 -30.95 -0.46 -4.62
C ASN A 189 -31.21 0.96 -5.04
N THR A 190 -31.75 1.16 -6.22
CA THR A 190 -31.91 2.53 -6.73
C THR A 190 -33.05 3.33 -6.08
N ASP A 191 -33.76 2.77 -5.14
CA ASP A 191 -34.83 3.47 -4.43
C ASP A 191 -34.33 3.96 -3.06
N LYS A 192 -33.22 3.43 -2.66
CA LYS A 192 -32.71 3.68 -1.39
C LYS A 192 -31.34 4.25 -1.40
N ILE A 193 -30.66 4.09 -2.49
CA ILE A 193 -29.46 4.86 -2.80
C ILE A 193 -29.57 5.76 -4.04
N SER A 194 -29.34 7.04 -3.83
CA SER A 194 -29.19 8.01 -4.86
C SER A 194 -27.91 8.06 -5.68
N GLY A 195 -28.01 8.73 -6.80
CA GLY A 195 -26.89 9.01 -7.62
C GLY A 195 -26.32 7.90 -8.41
N MET A 196 -26.95 6.75 -8.41
CA MET A 196 -26.36 5.59 -9.06
C MET A 196 -26.83 5.47 -10.49
N GLU A 197 -28.00 5.96 -10.77
CA GLU A 197 -28.67 5.73 -12.00
C GLU A 197 -28.08 6.54 -13.13
N SER A 198 -27.14 7.41 -12.83
CA SER A 198 -26.41 8.20 -13.80
C SER A 198 -25.25 7.45 -14.43
N ALA A 199 -24.98 6.32 -13.88
CA ALA A 199 -23.86 5.56 -14.21
C ALA A 199 -23.89 5.29 -15.69
N GLN A 200 -22.83 5.65 -16.40
CA GLN A 200 -22.86 5.55 -17.85
C GLN A 200 -21.72 4.73 -18.36
N CYS A 201 -22.03 3.88 -19.33
CA CYS A 201 -21.04 2.96 -19.83
C CYS A 201 -20.03 3.74 -20.64
N ASN A 202 -18.79 3.26 -20.58
CA ASN A 202 -17.68 3.89 -21.24
C ASN A 202 -17.93 3.98 -22.73
N GLY A 203 -17.74 5.16 -23.30
CA GLY A 203 -17.85 5.31 -24.74
C GLY A 203 -19.24 5.16 -25.34
N THR A 204 -20.28 5.30 -24.53
CA THR A 204 -21.64 5.12 -25.03
C THR A 204 -22.66 5.94 -24.25
N SER A 205 -23.92 5.74 -24.57
CA SER A 205 -25.05 6.42 -23.93
C SER A 205 -25.80 5.55 -22.96
N THR A 206 -25.57 4.25 -23.11
CA THR A 206 -26.21 3.19 -22.39
C THR A 206 -25.90 3.28 -20.88
N ALA A 207 -26.91 3.25 -20.03
CA ALA A 207 -26.74 3.26 -18.60
C ALA A 207 -26.23 1.97 -18.05
N VAL A 208 -25.49 2.04 -16.97
CA VAL A 208 -24.92 0.81 -16.42
C VAL A 208 -26.00 -0.13 -15.90
N LYS A 209 -27.08 0.40 -15.37
CA LYS A 209 -28.18 -0.38 -14.93
C LYS A 209 -28.96 -1.16 -15.96
N ASP A 210 -28.86 -0.81 -17.23
CA ASP A 210 -29.68 -1.36 -18.25
C ASP A 210 -28.98 -2.46 -19.00
N VAL A 211 -27.75 -2.75 -18.60
CA VAL A 211 -26.91 -3.73 -19.28
C VAL A 211 -27.39 -5.17 -19.09
N LYS A 212 -27.52 -5.86 -20.22
CA LYS A 212 -27.85 -7.28 -20.24
C LYS A 212 -26.60 -7.97 -19.76
N THR A 213 -26.77 -8.92 -18.86
CA THR A 213 -25.66 -9.45 -18.16
C THR A 213 -25.43 -10.86 -18.55
N GLU A 214 -26.50 -11.52 -18.95
CA GLU A 214 -26.45 -12.95 -19.24
C GLU A 214 -25.57 -13.19 -20.43
N PRO A 215 -25.69 -12.28 -21.39
CA PRO A 215 -24.87 -12.30 -22.59
C PRO A 215 -23.38 -12.06 -22.35
N ILE A 216 -23.00 -11.43 -21.24
CA ILE A 216 -21.63 -11.10 -20.95
C ILE A 216 -21.03 -11.78 -19.78
N LYS A 217 -21.76 -12.72 -19.26
CA LYS A 217 -21.42 -13.35 -18.04
C LYS A 217 -20.20 -14.21 -18.00
N ASN A 218 -19.64 -14.58 -19.14
CA ASN A 218 -18.49 -15.45 -19.25
C ASN A 218 -17.35 -14.76 -19.97
N VAL A 219 -17.61 -13.54 -20.35
CA VAL A 219 -16.63 -12.73 -20.96
C VAL A 219 -15.87 -12.08 -19.87
N PRO A 220 -14.64 -12.50 -19.52
CA PRO A 220 -13.89 -11.84 -18.41
C PRO A 220 -12.99 -10.59 -18.71
N CYS A 221 -12.44 -9.93 -17.69
CA CYS A 221 -11.59 -8.77 -17.89
C CYS A 221 -10.16 -9.04 -17.45
N ALA B 1 26.24 11.60 -0.09
CA ALA B 1 25.85 11.34 1.30
C ALA B 1 26.68 11.97 2.42
N CYS B 2 27.95 11.56 2.48
CA CYS B 2 28.81 11.91 3.59
C CYS B 2 30.06 12.50 2.98
N PHE B 3 30.81 13.21 3.81
CA PHE B 3 32.01 13.90 3.34
C PHE B 3 33.05 12.81 3.50
N ALA B 4 32.89 12.03 4.57
CA ALA B 4 33.72 10.87 4.83
C ALA B 4 33.00 10.15 5.96
N ALA B 5 33.56 9.04 6.42
CA ALA B 5 33.00 8.38 7.55
C ALA B 5 32.92 9.37 8.70
N GLY B 6 31.81 9.42 9.44
CA GLY B 6 31.66 10.39 10.45
C GLY B 6 31.28 11.81 10.11
N LYS B 7 31.36 12.17 8.87
CA LYS B 7 31.13 13.55 8.46
C LYS B 7 29.93 13.63 7.52
N ASP B 8 28.95 14.41 7.95
CA ASP B 8 27.72 14.62 7.24
C ASP B 8 27.85 15.39 5.93
N ASP B 9 27.10 15.04 4.93
CA ASP B 9 26.88 15.91 3.78
C ASP B 9 25.39 15.97 3.52
N LEU B 10 24.88 15.35 2.47
CA LEU B 10 23.43 15.38 2.20
C LEU B 10 22.70 14.54 3.25
N CYS B 11 23.46 13.63 3.83
CA CYS B 11 23.08 12.70 4.86
C CYS B 11 23.76 12.84 6.20
N THR B 12 23.21 12.08 7.14
CA THR B 12 23.74 11.96 8.49
C THR B 12 24.68 10.76 8.50
N CYS B 13 25.91 11.00 8.93
CA CYS B 13 26.97 10.01 8.85
C CYS B 13 27.73 9.90 10.17
N SER B 14 27.67 8.73 10.80
CA SER B 14 28.37 8.51 12.07
C SER B 14 29.43 7.42 11.97
N ASN B 15 30.33 7.44 12.94
CA ASN B 15 31.35 6.44 13.09
C ASN B 15 30.79 5.38 14.00
N LYS B 16 31.47 4.25 14.00
CA LYS B 16 31.08 3.11 14.71
C LYS B 16 31.47 3.35 16.17
N THR B 17 30.53 3.10 17.08
CA THR B 17 30.69 3.13 18.50
C THR B 17 31.02 1.72 18.82
N GLU B 18 31.18 1.36 20.06
CA GLU B 18 31.16 -0.04 20.40
C GLU B 18 29.74 -0.56 20.50
N SER B 19 28.75 0.28 20.32
CA SER B 19 27.38 0.01 20.62
C SER B 19 26.52 0.16 19.35
N SER B 20 27.12 0.75 18.34
CA SER B 20 26.35 1.17 17.18
C SER B 20 27.22 1.16 15.94
N PRO B 21 26.67 0.64 14.86
CA PRO B 21 27.45 0.45 13.62
C PRO B 21 27.64 1.76 12.85
N GLU B 22 28.63 1.78 11.97
CA GLU B 22 28.88 2.97 11.15
C GLU B 22 27.63 3.17 10.31
N THR B 23 26.92 4.26 10.58
CA THR B 23 25.70 4.49 9.94
C THR B 23 25.70 5.70 9.09
N VAL B 24 25.11 5.46 7.95
CA VAL B 24 24.77 6.55 7.01
C VAL B 24 23.24 6.63 6.85
N ASP B 25 22.64 7.71 7.33
CA ASP B 25 21.19 7.89 7.32
C ASP B 25 20.78 8.92 6.26
N CYS B 26 20.21 8.40 5.19
CA CYS B 26 19.69 9.23 4.12
C CYS B 26 18.12 9.23 4.15
N SER B 27 17.51 8.87 5.28
CA SER B 27 16.05 8.78 5.33
C SER B 27 15.41 10.16 5.24
N SER B 28 14.25 10.25 4.59
CA SER B 28 13.47 11.48 4.52
C SER B 28 14.23 12.66 3.92
N LYS B 29 14.74 12.47 2.73
CA LYS B 29 15.56 13.48 2.14
C LYS B 29 15.05 13.99 0.83
N LYS B 30 13.90 13.56 0.47
CA LYS B 30 13.33 13.89 -0.77
C LYS B 30 14.19 13.37 -1.93
N LEU B 31 14.85 12.27 -1.72
CA LEU B 31 15.71 11.67 -2.73
C LEU B 31 14.91 10.96 -3.84
N THR B 32 15.34 11.21 -5.04
CA THR B 32 14.85 10.57 -6.21
C THR B 32 15.85 9.59 -6.78
N THR B 33 16.99 9.53 -6.17
CA THR B 33 18.01 8.59 -6.52
C THR B 33 18.87 8.31 -5.35
N VAL B 34 19.72 7.33 -5.48
CA VAL B 34 20.67 7.03 -4.49
C VAL B 34 21.90 7.87 -4.69
N PRO B 35 22.31 8.57 -3.65
CA PRO B 35 23.53 9.34 -3.74
C PRO B 35 24.82 8.59 -3.84
N THR B 36 25.82 9.28 -4.36
CA THR B 36 27.19 8.82 -4.26
C THR B 36 27.72 9.38 -2.94
N GLY B 37 29.01 9.20 -2.72
CA GLY B 37 29.67 9.69 -1.54
C GLY B 37 29.37 8.97 -0.24
N ILE B 38 29.10 7.71 -0.39
CA ILE B 38 28.87 6.83 0.72
C ILE B 38 30.09 6.00 0.89
N PRO B 39 30.70 6.13 2.06
CA PRO B 39 31.96 5.44 2.36
C PRO B 39 31.83 3.91 2.32
N THR B 40 32.86 3.24 1.82
CA THR B 40 32.90 1.77 1.69
C THR B 40 33.04 1.03 3.05
N SER B 41 33.22 1.79 4.12
CA SER B 41 33.29 1.26 5.48
C SER B 41 31.90 1.25 6.14
N THR B 42 30.90 1.75 5.42
CA THR B 42 29.52 1.87 5.93
C THR B 42 28.92 0.52 6.28
N GLU B 43 28.31 0.43 7.46
CA GLU B 43 27.76 -0.84 7.96
C GLU B 43 26.24 -0.80 7.91
N LYS B 44 25.67 0.38 8.04
CA LYS B 44 24.23 0.53 7.99
C LYS B 44 23.78 1.72 7.18
N LEU B 45 22.99 1.48 6.15
CA LEU B 45 22.55 2.51 5.22
C LEU B 45 21.04 2.66 5.22
N GLN B 46 20.59 3.89 5.44
CA GLN B 46 19.15 4.10 5.48
C GLN B 46 18.73 5.04 4.38
N LEU B 47 17.84 4.55 3.52
CA LEU B 47 17.28 5.34 2.45
C LEU B 47 15.75 5.26 2.46
N ASN B 48 15.15 5.05 3.64
CA ASN B 48 13.69 4.92 3.75
C ASN B 48 13.01 6.28 3.70
N TYR B 49 11.73 6.30 3.41
CA TYR B 49 10.96 7.51 3.21
C TYR B 49 11.58 8.48 2.21
N ASN B 50 11.78 8.02 0.99
CA ASN B 50 12.22 8.86 -0.11
C ASN B 50 11.37 8.59 -1.37
N GLN B 51 11.73 9.17 -2.48
CA GLN B 51 10.96 9.05 -3.71
C GLN B 51 11.71 8.33 -4.84
N LEU B 52 12.47 7.33 -4.51
CA LEU B 52 13.17 6.51 -5.49
C LEU B 52 12.19 5.77 -6.36
N THR B 53 12.33 5.86 -7.66
CA THR B 53 11.58 4.99 -8.51
C THR B 53 12.36 3.87 -8.99
N GLY B 54 13.62 4.11 -9.28
CA GLY B 54 14.54 3.04 -9.64
C GLY B 54 15.87 3.27 -8.95
N ILE B 55 16.72 2.26 -8.93
CA ILE B 55 18.04 2.42 -8.33
C ILE B 55 19.10 2.32 -9.42
N PRO B 56 20.05 3.28 -9.44
CA PRO B 56 21.14 3.17 -10.41
C PRO B 56 21.95 1.91 -10.13
N PRO B 57 22.33 1.22 -11.15
CA PRO B 57 23.01 -0.03 -11.09
C PRO B 57 24.17 -0.10 -10.15
N THR B 58 25.04 0.87 -10.08
CA THR B 58 26.17 0.78 -9.20
C THR B 58 26.05 1.52 -7.87
N ALA B 59 24.85 1.92 -7.46
CA ALA B 59 24.63 2.56 -6.21
C ALA B 59 25.27 1.97 -5.00
N PHE B 60 25.48 0.69 -4.94
CA PHE B 60 26.05 0.06 -3.77
C PHE B 60 27.36 -0.59 -4.11
N GLN B 61 28.04 -0.16 -5.13
CA GLN B 61 29.37 -0.55 -5.46
C GLN B 61 30.28 -0.30 -4.30
N GLY B 62 31.05 -1.31 -3.93
CA GLY B 62 31.99 -1.18 -2.83
C GLY B 62 31.51 -1.29 -1.38
N LEU B 63 30.22 -1.48 -1.14
CA LEU B 63 29.74 -1.58 0.22
C LEU B 63 29.83 -2.97 0.73
N THR B 64 31.05 -3.42 0.96
CA THR B 64 31.34 -4.77 1.35
C THR B 64 31.14 -4.91 2.85
N LYS B 65 31.05 -3.78 3.54
CA LYS B 65 30.81 -3.91 4.98
C LYS B 65 29.33 -3.73 5.32
N LEU B 66 28.50 -3.44 4.32
CA LEU B 66 27.08 -3.18 4.56
C LEU B 66 26.39 -4.40 5.14
N THR B 67 25.84 -4.26 6.35
CA THR B 67 25.09 -5.33 7.02
C THR B 67 23.60 -5.05 7.00
N TYR B 68 23.26 -3.78 6.81
CA TYR B 68 21.88 -3.36 6.86
C TYR B 68 21.58 -2.38 5.74
N LEU B 69 20.54 -2.66 4.97
CA LEU B 69 20.12 -1.77 3.90
C LEU B 69 18.62 -1.60 4.00
N ASN B 70 18.21 -0.36 4.26
CA ASN B 70 16.79 -0.06 4.39
C ASN B 70 16.32 0.78 3.20
N LEU B 71 15.43 0.21 2.39
CA LEU B 71 14.82 0.93 1.27
C LEU B 71 13.29 1.05 1.42
N ASP B 72 12.78 0.83 2.63
CA ASP B 72 11.34 0.88 2.91
C ASP B 72 10.70 2.20 2.48
N SER B 73 9.41 2.15 2.15
CA SER B 73 8.66 3.37 1.85
C SER B 73 9.29 4.24 0.77
N ASN B 74 9.52 3.65 -0.39
CA ASN B 74 9.90 4.41 -1.58
C ASN B 74 8.98 3.96 -2.70
N GLN B 75 9.21 4.45 -3.92
CA GLN B 75 8.36 4.05 -5.04
C GLN B 75 8.94 3.09 -6.07
N LEU B 76 9.76 2.15 -5.61
CA LEU B 76 10.50 1.27 -6.49
C LEU B 76 9.63 0.41 -7.39
N GLN B 77 9.89 0.47 -8.69
CA GLN B 77 9.15 -0.33 -9.66
C GLN B 77 9.96 -1.55 -10.11
N TYR B 78 11.28 -1.37 -10.21
CA TYR B 78 12.16 -2.46 -10.63
C TYR B 78 13.49 -2.37 -9.90
N LEU B 79 14.23 -3.47 -9.92
CA LEU B 79 15.56 -3.54 -9.35
C LEU B 79 16.49 -3.82 -10.51
N PRO B 80 17.60 -3.08 -10.61
CA PRO B 80 18.48 -3.42 -11.72
C PRO B 80 19.16 -4.77 -11.47
N VAL B 81 19.69 -5.39 -12.51
CA VAL B 81 20.37 -6.66 -12.40
C VAL B 81 21.68 -6.43 -11.65
N GLY B 82 22.02 -7.37 -10.79
CA GLY B 82 23.23 -7.26 -9.98
C GLY B 82 23.30 -6.16 -8.92
N VAL B 83 22.17 -5.55 -8.57
CA VAL B 83 22.18 -4.38 -7.70
C VAL B 83 22.75 -4.65 -6.27
N PHE B 84 22.62 -5.88 -5.78
CA PHE B 84 23.13 -6.21 -4.45
C PHE B 84 24.35 -7.13 -4.47
N ASP B 85 24.87 -7.43 -5.66
CA ASP B 85 25.90 -8.45 -5.85
C ASP B 85 27.18 -8.23 -5.06
N GLN B 86 27.45 -7.00 -4.65
CA GLN B 86 28.65 -6.76 -3.88
C GLN B 86 28.40 -6.68 -2.36
N LEU B 87 27.14 -6.66 -1.94
CA LEU B 87 26.84 -6.51 -0.51
C LEU B 87 26.96 -7.89 0.15
N LYS B 88 28.16 -8.47 0.13
CA LYS B 88 28.36 -9.83 0.59
C LYS B 88 28.07 -10.03 2.03
N ASN B 89 28.07 -8.95 2.77
CA ASN B 89 27.88 -8.99 4.21
C ASN B 89 26.49 -8.61 4.69
N LEU B 90 25.53 -8.42 3.77
CA LEU B 90 24.19 -8.03 4.20
C LEU B 90 23.56 -9.00 5.18
N ASN B 91 23.02 -8.46 6.26
CA ASN B 91 22.25 -9.26 7.19
C ASN B 91 20.77 -8.97 7.05
N GLU B 92 20.42 -7.71 6.88
CA GLU B 92 19.02 -7.37 6.73
C GLU B 92 18.82 -6.45 5.52
N LEU B 93 17.86 -6.83 4.69
CA LEU B 93 17.53 -6.07 3.49
C LEU B 93 16.06 -5.78 3.54
N ARG B 94 15.68 -4.53 3.43
CA ARG B 94 14.30 -4.13 3.56
C ARG B 94 13.84 -3.42 2.33
N LEU B 95 12.80 -3.94 1.73
CA LEU B 95 12.21 -3.35 0.54
C LEU B 95 10.72 -3.17 0.69
N ASP B 96 10.23 -3.12 1.92
CA ASP B 96 8.80 -3.02 2.17
C ASP B 96 8.19 -1.69 1.71
N PHE B 97 6.89 -1.72 1.44
CA PHE B 97 6.13 -0.54 1.04
C PHE B 97 6.67 0.11 -0.22
N ASN B 98 6.80 -0.70 -1.26
CA ASN B 98 7.19 -0.21 -2.57
C ASN B 98 6.20 -0.68 -3.62
N LYS B 99 6.52 -0.39 -4.87
CA LYS B 99 5.70 -0.76 -6.00
C LYS B 99 6.24 -1.90 -6.86
N LEU B 100 7.04 -2.76 -6.27
CA LEU B 100 7.73 -3.82 -7.01
C LEU B 100 6.79 -4.84 -7.67
N LYS B 101 6.93 -4.95 -8.98
CA LYS B 101 6.09 -5.83 -9.77
C LYS B 101 6.77 -7.19 -9.95
N SER B 102 8.10 -7.18 -10.06
CA SER B 102 8.87 -8.40 -10.17
C SER B 102 10.29 -8.26 -9.60
N LEU B 103 11.08 -9.33 -9.70
CA LEU B 103 12.46 -9.31 -9.20
C LEU B 103 13.37 -9.94 -10.24
N PRO B 104 14.57 -9.39 -10.43
CA PRO B 104 15.46 -10.06 -11.38
C PRO B 104 15.88 -11.39 -10.81
N PRO B 105 15.87 -12.45 -11.62
CA PRO B 105 16.44 -13.72 -11.14
C PRO B 105 17.87 -13.54 -10.60
N ARG B 106 18.21 -14.31 -9.58
CA ARG B 106 19.57 -14.29 -9.03
C ARG B 106 19.89 -13.00 -8.28
N VAL B 107 18.86 -12.20 -8.01
CA VAL B 107 19.03 -10.94 -7.29
C VAL B 107 19.62 -11.01 -5.87
N PHE B 108 19.27 -12.05 -5.11
CA PHE B 108 19.71 -12.20 -3.73
C PHE B 108 20.80 -13.25 -3.56
N ASP B 109 21.32 -13.74 -4.68
CA ASP B 109 22.15 -14.96 -4.69
C ASP B 109 23.54 -14.81 -4.11
N ARG B 110 24.00 -13.56 -3.96
CA ARG B 110 25.30 -13.30 -3.36
C ARG B 110 25.13 -12.96 -1.88
N LEU B 111 23.89 -12.78 -1.45
CA LEU B 111 23.62 -12.44 -0.08
C LEU B 111 23.47 -13.60 0.83
N THR B 112 24.61 -14.24 1.11
CA THR B 112 24.60 -15.55 1.75
C THR B 112 24.60 -15.33 3.28
N ASN B 113 24.73 -14.08 3.72
CA ASN B 113 24.69 -13.81 5.15
C ASN B 113 23.40 -13.13 5.60
N LEU B 114 22.45 -13.05 4.67
CA LEU B 114 21.17 -12.40 4.92
C LEU B 114 20.39 -13.28 5.88
N THR B 115 19.91 -12.70 6.97
CA THR B 115 19.12 -13.43 7.94
C THR B 115 17.65 -12.96 7.91
N ALA B 116 17.47 -11.72 7.43
CA ALA B 116 16.14 -11.09 7.28
C ALA B 116 15.97 -10.44 5.91
N LEU B 117 14.83 -10.71 5.28
CA LEU B 117 14.47 -10.14 3.99
C LEU B 117 13.04 -9.64 3.97
N TYR B 118 12.87 -8.34 3.72
CA TYR B 118 11.54 -7.71 3.73
C TYR B 118 11.07 -7.25 2.35
N LEU B 119 9.96 -7.81 1.91
CA LEU B 119 9.41 -7.52 0.58
C LEU B 119 7.94 -7.21 0.62
N GLU B 120 7.41 -6.85 1.78
CA GLU B 120 5.99 -6.67 1.93
C GLU B 120 5.42 -5.38 1.34
N TYR B 121 4.13 -5.35 1.22
CA TYR B 121 3.42 -4.27 0.62
C TYR B 121 4.07 -3.85 -0.68
N ASN B 122 4.17 -4.75 -1.62
CA ASN B 122 4.62 -4.41 -2.95
C ASN B 122 3.47 -4.77 -3.90
N GLN B 123 3.84 -5.08 -5.13
CA GLN B 123 2.92 -5.53 -6.14
C GLN B 123 3.26 -6.81 -6.87
N LEU B 124 4.02 -7.68 -6.21
CA LEU B 124 4.61 -8.84 -6.85
C LEU B 124 3.56 -9.75 -7.49
N GLN B 125 3.80 -10.20 -8.68
CA GLN B 125 2.88 -11.08 -9.29
C GLN B 125 3.42 -12.47 -9.39
N SER B 126 4.71 -12.56 -9.40
CA SER B 126 5.45 -13.76 -9.34
C SER B 126 6.76 -13.56 -8.73
N ILE B 127 7.53 -14.66 -8.56
CA ILE B 127 8.90 -14.60 -8.09
C ILE B 127 9.76 -15.53 -8.94
N PRO B 128 11.00 -15.12 -9.22
CA PRO B 128 11.80 -15.93 -10.14
C PRO B 128 12.07 -17.27 -9.53
N LYS B 129 12.25 -18.23 -10.42
CA LYS B 129 12.75 -19.52 -10.06
C LYS B 129 14.09 -19.39 -9.35
N GLY B 130 14.20 -20.02 -8.18
CA GLY B 130 15.43 -20.05 -7.43
C GLY B 130 15.91 -18.72 -6.90
N VAL B 131 14.98 -17.79 -6.67
CA VAL B 131 15.34 -16.49 -6.11
C VAL B 131 15.75 -16.60 -4.64
N PHE B 132 15.37 -17.69 -3.98
CA PHE B 132 15.72 -17.86 -2.59
C PHE B 132 16.67 -19.01 -2.35
N ASP B 133 17.05 -19.71 -3.41
CA ASP B 133 17.91 -20.90 -3.31
C ASP B 133 19.19 -20.73 -2.49
N LYS B 134 19.81 -19.57 -2.56
CA LYS B 134 21.07 -19.35 -1.93
C LYS B 134 20.98 -18.84 -0.48
N LEU B 135 19.77 -18.52 -0.05
CA LEU B 135 19.55 -17.96 1.26
C LEU B 135 19.34 -18.99 2.34
N VAL B 136 20.36 -19.79 2.58
CA VAL B 136 20.25 -20.86 3.55
C VAL B 136 20.30 -20.33 5.00
N ASN B 137 20.82 -19.12 5.18
CA ASN B 137 20.87 -18.50 6.52
C ASN B 137 19.68 -17.60 6.81
N LEU B 138 18.72 -17.55 5.90
CA LEU B 138 17.53 -16.71 6.05
C LEU B 138 16.75 -17.20 7.22
N GLU B 139 16.38 -16.32 8.14
CA GLU B 139 15.62 -16.74 9.31
C GLU B 139 14.18 -16.27 9.24
N THR B 140 13.99 -15.05 8.75
CA THR B 140 12.65 -14.54 8.48
C THR B 140 12.55 -14.04 7.03
N LEU B 141 11.40 -14.31 6.42
CA LEU B 141 11.11 -13.93 5.05
C LEU B 141 9.71 -13.35 5.06
N TRP B 142 9.57 -12.11 4.61
CA TRP B 142 8.31 -11.40 4.74
C TRP B 142 7.75 -11.07 3.36
N LEU B 143 6.60 -11.65 3.02
CA LEU B 143 6.06 -11.47 1.67
C LEU B 143 4.60 -11.01 1.68
N ARG B 144 4.11 -10.60 2.84
CA ARG B 144 2.69 -10.23 3.00
C ARG B 144 2.30 -8.99 2.17
N GLU B 145 1.07 -9.02 1.66
CA GLU B 145 0.47 -7.95 0.84
C GLU B 145 1.01 -7.69 -0.57
N ASN B 146 1.16 -8.77 -1.33
CA ASN B 146 1.52 -8.71 -2.74
C ASN B 146 0.53 -9.49 -3.57
N LYS B 147 0.81 -9.60 -4.87
CA LYS B 147 -0.08 -10.37 -5.81
C LYS B 147 0.38 -11.74 -6.20
N LEU B 148 1.04 -12.47 -5.32
CA LEU B 148 1.50 -13.80 -5.71
C LEU B 148 0.35 -14.80 -5.76
N GLN B 149 0.37 -15.64 -6.81
CA GLN B 149 -0.68 -16.63 -7.03
C GLN B 149 -0.22 -18.02 -6.69
N SER B 150 1.06 -18.25 -6.88
CA SER B 150 1.74 -19.42 -6.42
C SER B 150 3.22 -19.08 -6.37
N VAL B 151 4.03 -20.02 -5.98
CA VAL B 151 5.45 -19.90 -6.14
C VAL B 151 5.94 -21.10 -6.96
N PRO B 152 7.13 -21.00 -7.57
CA PRO B 152 7.70 -22.09 -8.36
C PRO B 152 8.00 -23.31 -7.50
N ASP B 153 7.97 -24.43 -8.14
CA ASP B 153 8.29 -25.67 -7.57
C ASP B 153 9.66 -25.69 -6.92
N GLY B 154 9.59 -25.93 -5.63
CA GLY B 154 10.68 -26.01 -4.74
C GLY B 154 11.21 -24.76 -4.14
N ALA B 155 10.50 -23.68 -4.25
CA ALA B 155 11.02 -22.39 -3.92
C ALA B 155 11.56 -22.08 -2.53
N PHE B 156 11.15 -22.82 -1.54
CA PHE B 156 11.49 -22.60 -0.17
C PHE B 156 12.32 -23.67 0.41
N ASP B 157 12.73 -24.66 -0.40
CA ASP B 157 13.36 -25.86 0.15
C ASP B 157 14.78 -25.60 0.66
N SER B 158 15.38 -24.52 0.24
CA SER B 158 16.70 -24.16 0.75
C SER B 158 16.72 -23.44 2.11
N LEU B 159 15.58 -22.90 2.49
CA LEU B 159 15.44 -22.11 3.68
C LEU B 159 15.28 -22.94 4.90
N THR B 160 16.39 -23.60 5.21
CA THR B 160 16.42 -24.63 6.22
C THR B 160 16.59 -23.96 7.55
N LYS B 161 16.94 -22.68 7.53
CA LYS B 161 17.07 -22.01 8.82
C LYS B 161 15.89 -21.10 9.11
N VAL B 162 15.02 -20.92 8.12
CA VAL B 162 13.86 -20.05 8.27
C VAL B 162 13.04 -20.38 9.52
N GLU B 163 12.62 -19.32 10.22
CA GLU B 163 11.79 -19.48 11.41
C GLU B 163 10.39 -18.96 11.20
N MET B 164 10.31 -17.87 10.47
CA MET B 164 9.05 -17.21 10.14
C MET B 164 9.05 -17.01 8.63
N LEU B 165 7.94 -17.37 8.00
CA LEU B 165 7.78 -17.22 6.56
C LEU B 165 6.38 -16.67 6.31
N GLN B 166 6.29 -15.35 6.25
CA GLN B 166 4.99 -14.68 6.22
C GLN B 166 4.39 -14.54 4.83
N LEU B 167 3.19 -15.07 4.65
CA LEU B 167 2.66 -15.27 3.29
C LEU B 167 1.27 -14.69 3.02
N HIS B 168 0.50 -14.38 4.06
CA HIS B 168 -0.88 -14.01 3.84
C HIS B 168 -1.14 -12.69 3.17
N ASN B 169 -2.39 -12.41 2.82
CA ASN B 169 -2.72 -11.27 1.97
C ASN B 169 -2.01 -11.37 0.64
N ASN B 170 -2.01 -12.60 0.12
CA ASN B 170 -1.49 -12.95 -1.19
C ASN B 170 -2.51 -13.86 -1.85
N PRO B 171 -3.15 -13.35 -2.88
CA PRO B 171 -4.35 -13.94 -3.48
C PRO B 171 -3.95 -15.24 -4.19
N TRP B 172 -3.57 -16.25 -3.40
CA TRP B 172 -3.13 -17.52 -3.94
C TRP B 172 -4.23 -18.24 -4.72
N ASP B 173 -3.90 -18.66 -5.93
CA ASP B 173 -4.79 -19.42 -6.78
C ASP B 173 -4.77 -20.84 -6.29
N CYS B 174 -5.88 -21.26 -5.68
CA CYS B 174 -6.00 -22.62 -5.16
C CYS B 174 -6.80 -23.50 -6.11
N ALA B 175 -6.97 -23.06 -7.34
CA ALA B 175 -7.72 -23.84 -8.33
C ALA B 175 -6.87 -24.22 -9.53
N CYS B 176 -5.55 -24.06 -9.41
CA CYS B 176 -4.61 -24.29 -10.50
C CYS B 176 -3.61 -25.28 -9.96
N SER B 177 -2.87 -25.95 -10.83
CA SER B 177 -1.88 -26.94 -10.40
C SER B 177 -0.67 -26.38 -9.62
N ASP B 178 -0.32 -25.15 -9.91
CA ASP B 178 0.87 -24.53 -9.33
C ASP B 178 0.80 -24.37 -7.81
N ILE B 179 -0.38 -24.57 -7.26
CA ILE B 179 -0.58 -24.37 -5.83
C ILE B 179 -0.28 -25.60 -4.98
N ILE B 180 0.16 -26.70 -5.60
CA ILE B 180 0.48 -27.85 -4.77
C ILE B 180 1.79 -27.85 -4.01
N TYR B 181 2.82 -27.30 -4.63
CA TYR B 181 4.10 -27.22 -3.91
C TYR B 181 3.93 -26.42 -2.64
N LEU B 182 3.20 -25.31 -2.74
CA LEU B 182 3.00 -24.45 -1.58
C LEU B 182 2.10 -25.15 -0.56
N ARG B 183 1.04 -25.78 -1.04
CA ARG B 183 0.13 -26.52 -0.15
C ARG B 183 0.88 -27.61 0.60
N THR B 184 1.74 -28.33 -0.12
CA THR B 184 2.54 -29.40 0.47
C THR B 184 3.60 -28.83 1.40
N PHE B 185 4.22 -27.71 1.05
CA PHE B 185 5.26 -27.10 1.87
C PHE B 185 4.76 -26.67 3.20
N ILE B 186 3.65 -25.99 3.19
CA ILE B 186 3.03 -25.49 4.39
C ILE B 186 2.56 -26.61 5.31
N ALA B 187 2.02 -27.62 4.68
CA ALA B 187 1.55 -28.77 5.37
C ALA B 187 2.59 -29.60 6.05
N LYS B 188 3.71 -29.83 5.45
CA LYS B 188 4.84 -30.41 6.10
C LYS B 188 5.43 -29.55 7.16
N ASN B 189 5.55 -28.26 6.87
CA ASN B 189 6.47 -27.40 7.60
C ASN B 189 5.80 -26.41 8.52
N THR B 190 4.52 -26.58 8.76
CA THR B 190 3.83 -25.69 9.67
C THR B 190 4.07 -25.72 11.19
N ASP B 191 4.48 -26.81 11.79
CA ASP B 191 4.76 -26.68 13.19
C ASP B 191 6.15 -26.10 13.38
N LYS B 192 6.89 -25.84 12.31
CA LYS B 192 8.28 -25.42 12.46
C LYS B 192 8.47 -23.96 12.10
N ILE B 193 7.74 -23.53 11.09
CA ILE B 193 7.77 -22.23 10.55
C ILE B 193 6.44 -21.57 10.70
N SER B 194 6.38 -20.42 11.29
CA SER B 194 5.11 -19.73 11.45
C SER B 194 4.85 -18.70 10.33
N GLY B 195 3.61 -18.20 10.29
CA GLY B 195 3.12 -17.24 9.30
C GLY B 195 2.65 -17.78 7.96
N MET B 196 2.68 -19.08 7.76
CA MET B 196 2.17 -19.77 6.60
C MET B 196 0.73 -20.28 6.75
N GLU B 197 0.39 -20.62 7.99
CA GLU B 197 -0.97 -21.03 8.32
C GLU B 197 -2.02 -20.03 7.80
N SER B 198 -1.70 -18.74 7.86
CA SER B 198 -2.64 -17.72 7.42
C SER B 198 -2.75 -17.53 5.91
N ALA B 199 -1.99 -18.30 5.13
CA ALA B 199 -2.06 -18.19 3.66
C ALA B 199 -3.39 -18.64 3.09
N GLN B 200 -4.11 -17.73 2.43
CA GLN B 200 -5.47 -18.03 1.98
C GLN B 200 -5.70 -18.13 0.47
N CYS B 201 -6.67 -18.97 0.13
CA CYS B 201 -7.03 -19.26 -1.25
C CYS B 201 -7.88 -18.10 -1.74
N ASN B 202 -7.44 -17.50 -2.83
CA ASN B 202 -8.06 -16.31 -3.33
C ASN B 202 -9.54 -16.56 -3.55
N GLY B 203 -10.40 -15.59 -3.33
CA GLY B 203 -11.81 -15.89 -3.38
C GLY B 203 -12.50 -16.39 -2.18
N THR B 204 -11.74 -16.98 -1.29
CA THR B 204 -12.29 -17.67 -0.18
C THR B 204 -11.46 -17.53 1.06
N SER B 205 -11.85 -18.26 2.06
CA SER B 205 -11.21 -18.19 3.30
C SER B 205 -10.70 -19.56 3.65
N THR B 206 -10.35 -20.30 2.60
CA THR B 206 -9.85 -21.66 2.75
C THR B 206 -8.35 -21.53 2.81
N ALA B 207 -7.72 -22.26 3.71
CA ALA B 207 -6.32 -22.09 3.95
C ALA B 207 -5.73 -22.78 2.74
N VAL B 208 -4.49 -22.48 2.49
CA VAL B 208 -3.81 -23.05 1.40
C VAL B 208 -3.35 -24.38 1.81
N LYS B 209 -2.94 -24.57 3.03
CA LYS B 209 -2.62 -25.91 3.47
C LYS B 209 -3.79 -26.94 3.40
N ASP B 210 -5.00 -26.44 3.36
CA ASP B 210 -6.18 -27.23 3.53
C ASP B 210 -6.77 -27.66 2.22
N VAL B 211 -6.28 -27.14 1.13
CA VAL B 211 -6.76 -27.43 -0.19
C VAL B 211 -6.42 -28.90 -0.40
N LYS B 212 -6.94 -29.39 -1.49
CA LYS B 212 -6.97 -30.78 -1.79
C LYS B 212 -6.50 -30.95 -3.20
N THR B 213 -5.75 -31.95 -3.47
CA THR B 213 -4.98 -31.89 -4.69
C THR B 213 -5.45 -32.56 -5.98
N GLU B 214 -5.91 -33.81 -5.92
CA GLU B 214 -6.25 -34.57 -7.12
C GLU B 214 -7.32 -33.93 -7.99
N PRO B 215 -8.18 -33.16 -7.34
CA PRO B 215 -9.27 -32.44 -8.01
C PRO B 215 -8.59 -31.41 -8.91
N ILE B 216 -7.43 -30.87 -8.47
CA ILE B 216 -6.63 -29.93 -9.26
C ILE B 216 -5.25 -30.37 -9.61
N LYS B 217 -4.92 -31.61 -9.36
CA LYS B 217 -3.64 -32.10 -9.81
C LYS B 217 -3.39 -31.96 -11.33
N ASN B 218 -4.40 -32.29 -12.13
CA ASN B 218 -4.26 -32.28 -13.57
C ASN B 218 -4.84 -31.03 -14.21
N VAL B 219 -4.87 -29.92 -13.51
CA VAL B 219 -5.59 -28.79 -14.08
C VAL B 219 -4.69 -27.59 -14.20
N PRO B 220 -3.96 -27.54 -15.30
CA PRO B 220 -3.01 -26.46 -15.54
C PRO B 220 -3.70 -25.11 -15.57
N CYS B 221 -2.88 -24.07 -15.71
CA CYS B 221 -3.37 -22.70 -15.75
C CYS B 221 -2.77 -21.93 -16.92
#